data_9HQ5
#
_entry.id   9HQ5
#
_cell.length_a   65.230
_cell.length_b   65.230
_cell.length_c   138.640
_cell.angle_alpha   90.000
_cell.angle_beta   90.000
_cell.angle_gamma   90.000
#
_symmetry.space_group_name_H-M   'P 43 21 2'
#
loop_
_entity.id
_entity.type
_entity.pdbx_description
1 polymer 'CD63 antigen'
2 polymer 'Sybody SB3'
3 non-polymer 'SULFATE ION'
#
loop_
_entity_poly.entity_id
_entity_poly.type
_entity_poly.pdbx_seq_one_letter_code
_entity_poly.pdbx_strand_id
1 'polypeptide(L)'
;RSGYVFRDKVMSEFNNNFRQQMENYPKNSHTASILDRMQADFKCCGAASYTDWEKIPSMSKNRVPDSCCISVTVGCGINF
NEKAIHKEGCVEKIGGWLRKNVENLYFQ
;
A
2 'polypeptide(L)'
;GSSSQVQLVESGGGLVQAGGSLRLSCAASGFPVASGNMAWYRQAPGKEREWVAAIKSHGYGTKYADSVKGRFTISRDNAK
NTVYLQMNSLKPEDTAVYYCYVYVGWLYWGQGTQVTVSAGRAGEQKLISEEDLNSAVDHHHHHH
;
B
#
loop_
_chem_comp.id
_chem_comp.type
_chem_comp.name
_chem_comp.formula
SO4 non-polymer 'SULFATE ION' 'O4 S -2'
#
# COMPACT_ATOMS: atom_id res chain seq x y z
N SER A 2 2.22 -4.64 -12.03
CA SER A 2 3.54 -5.20 -12.28
C SER A 2 4.13 -5.79 -11.00
N GLY A 3 3.98 -5.07 -9.89
CA GLY A 3 4.48 -5.57 -8.63
C GLY A 3 3.65 -6.74 -8.12
N TYR A 4 4.32 -7.64 -7.39
CA TYR A 4 3.67 -8.82 -6.85
C TYR A 4 4.16 -9.05 -5.42
N VAL A 5 3.26 -9.58 -4.59
CA VAL A 5 3.63 -9.86 -3.20
C VAL A 5 4.41 -11.16 -3.09
N PHE A 6 4.09 -12.14 -3.92
CA PHE A 6 4.75 -13.44 -3.88
C PHE A 6 5.27 -13.79 -5.26
N ARG A 7 6.17 -14.79 -5.29
CA ARG A 7 6.74 -15.31 -6.54
C ARG A 7 6.21 -16.67 -6.91
N ASP A 8 5.86 -17.51 -5.95
CA ASP A 8 5.36 -18.84 -6.26
C ASP A 8 3.94 -18.75 -6.81
N LYS A 9 3.63 -19.60 -7.79
CA LYS A 9 2.34 -19.53 -8.45
C LYS A 9 1.21 -19.91 -7.49
N VAL A 10 1.41 -20.97 -6.71
CA VAL A 10 0.35 -21.45 -5.81
C VAL A 10 0.11 -20.44 -4.69
N MET A 11 1.16 -19.76 -4.23
CA MET A 11 0.99 -18.80 -3.14
C MET A 11 0.27 -17.55 -3.63
N SER A 12 0.66 -17.04 -4.80
CA SER A 12 0.03 -15.84 -5.34
C SER A 12 -1.43 -16.08 -5.73
N GLU A 13 -1.78 -17.32 -6.08
CA GLU A 13 -3.17 -17.61 -6.44
C GLU A 13 -4.03 -17.82 -5.20
N PHE A 14 -3.44 -18.32 -4.11
CA PHE A 14 -4.16 -18.32 -2.83
C PHE A 14 -4.40 -16.89 -2.36
N ASN A 15 -3.44 -15.99 -2.61
CA ASN A 15 -3.60 -14.60 -2.24
C ASN A 15 -4.77 -13.96 -2.97
N ASN A 16 -4.88 -14.21 -4.27
CA ASN A 16 -5.99 -13.67 -5.04
C ASN A 16 -7.31 -14.33 -4.65
N ASN A 17 -7.28 -15.62 -4.33
CA ASN A 17 -8.48 -16.30 -3.86
C ASN A 17 -9.01 -15.67 -2.57
N PHE A 18 -8.11 -15.35 -1.64
CA PHE A 18 -8.52 -14.67 -0.41
C PHE A 18 -9.10 -13.29 -0.71
N ARG A 19 -8.44 -12.54 -1.60
CA ARG A 19 -8.95 -11.22 -1.96
C ARG A 19 -10.23 -11.31 -2.77
N GLN A 20 -10.44 -12.42 -3.48
CA GLN A 20 -11.67 -12.57 -4.26
C GLN A 20 -12.87 -12.78 -3.35
N GLN A 21 -12.73 -13.63 -2.32
CA GLN A 21 -13.83 -13.84 -1.38
C GLN A 21 -14.05 -12.65 -0.47
N MET A 22 -13.08 -11.74 -0.35
CA MET A 22 -13.33 -10.48 0.33
C MET A 22 -14.29 -9.61 -0.49
N GLU A 23 -14.21 -9.69 -1.81
CA GLU A 23 -15.16 -8.97 -2.66
C GLU A 23 -16.57 -9.53 -2.51
N ASN A 24 -16.69 -10.84 -2.29
CA ASN A 24 -17.98 -11.49 -2.12
C ASN A 24 -18.44 -11.51 -0.66
N TYR A 25 -17.70 -10.87 0.23
CA TYR A 25 -18.13 -10.79 1.64
C TYR A 25 -19.50 -10.14 1.79
N PRO A 26 -19.76 -8.92 1.31
CA PRO A 26 -21.07 -8.30 1.54
C PRO A 26 -22.14 -8.78 0.58
N LYS A 27 -21.80 -9.62 -0.40
CA LYS A 27 -22.77 -10.13 -1.37
C LYS A 27 -23.31 -11.49 -0.98
N ASN A 28 -22.83 -12.09 0.12
CA ASN A 28 -23.24 -13.43 0.50
C ASN A 28 -23.00 -13.62 1.99
N SER A 29 -24.04 -14.04 2.71
CA SER A 29 -23.90 -14.30 4.13
C SER A 29 -23.07 -15.55 4.40
N HIS A 30 -23.23 -16.58 3.56
CA HIS A 30 -22.46 -17.80 3.75
C HIS A 30 -20.97 -17.55 3.55
N THR A 31 -20.60 -16.74 2.54
CA THR A 31 -19.21 -16.40 2.33
C THR A 31 -18.65 -15.61 3.51
N ALA A 32 -19.44 -14.65 4.00
CA ALA A 32 -18.97 -13.78 5.08
C ALA A 32 -18.72 -14.55 6.36
N SER A 33 -19.50 -15.61 6.62
CA SER A 33 -19.34 -16.37 7.85
C SER A 33 -18.02 -17.15 7.85
N ILE A 34 -17.60 -17.64 6.69
CA ILE A 34 -16.33 -18.38 6.62
C ILE A 34 -15.15 -17.45 6.89
N LEU A 35 -15.15 -16.28 6.25
CA LEU A 35 -14.08 -15.32 6.46
C LEU A 35 -14.05 -14.79 7.89
N ASP A 36 -15.21 -14.71 8.53
CA ASP A 36 -15.24 -14.26 9.92
C ASP A 36 -14.55 -15.26 10.85
N ARG A 37 -14.59 -16.54 10.51
CA ARG A 37 -13.90 -17.53 11.33
C ARG A 37 -12.39 -17.40 11.15
N MET A 38 -11.92 -17.27 9.91
CA MET A 38 -10.49 -17.14 9.67
C MET A 38 -9.93 -15.88 10.35
N GLN A 39 -10.64 -14.76 10.20
CA GLN A 39 -10.20 -13.53 10.83
C GLN A 39 -10.27 -13.61 12.36
N ALA A 40 -11.23 -14.37 12.89
CA ALA A 40 -11.32 -14.50 14.34
C ALA A 40 -10.27 -15.48 14.87
N ASP A 41 -10.15 -16.64 14.22
CA ASP A 41 -9.23 -17.67 14.71
C ASP A 41 -7.78 -17.22 14.57
N PHE A 42 -7.42 -16.68 13.41
CA PHE A 42 -6.05 -16.26 13.16
C PHE A 42 -5.76 -14.84 13.60
N LYS A 43 -6.75 -14.13 14.14
CA LYS A 43 -6.59 -12.79 14.69
C LYS A 43 -5.93 -11.85 13.66
N CYS A 44 -6.65 -11.64 12.57
CA CYS A 44 -6.15 -10.85 11.46
C CYS A 44 -7.32 -10.19 10.77
N CYS A 45 -7.01 -9.31 9.81
CA CYS A 45 -8.05 -8.57 9.10
C CYS A 45 -7.59 -8.32 7.68
N GLY A 46 -8.39 -8.72 6.71
CA GLY A 46 -8.07 -8.51 5.32
C GLY A 46 -6.98 -9.45 4.83
N ALA A 47 -6.51 -9.16 3.62
CA ALA A 47 -5.44 -9.95 3.03
C ALA A 47 -4.09 -9.59 3.62
N ALA A 48 -3.67 -8.34 3.43
CA ALA A 48 -2.41 -7.85 3.98
C ALA A 48 -2.59 -6.89 5.14
N SER A 49 -3.71 -6.18 5.21
CA SER A 49 -3.96 -5.23 6.28
C SER A 49 -5.46 -5.02 6.41
N TYR A 50 -5.87 -4.42 7.53
CA TYR A 50 -7.27 -4.08 7.71
C TYR A 50 -7.73 -3.00 6.75
N THR A 51 -6.80 -2.18 6.24
CA THR A 51 -7.13 -1.14 5.28
C THR A 51 -7.57 -1.68 3.93
N ASP A 52 -7.44 -3.00 3.71
CA ASP A 52 -7.96 -3.60 2.49
C ASP A 52 -9.48 -3.49 2.40
N TRP A 53 -10.16 -3.49 3.54
CA TRP A 53 -11.62 -3.41 3.55
C TRP A 53 -12.14 -2.08 3.02
N GLU A 54 -11.32 -1.03 3.08
CA GLU A 54 -11.75 0.26 2.58
C GLU A 54 -12.00 0.25 1.08
N LYS A 55 -11.46 -0.75 0.37
CA LYS A 55 -11.64 -0.86 -1.06
C LYS A 55 -12.80 -1.78 -1.46
N ILE A 56 -13.41 -2.47 -0.50
CA ILE A 56 -14.49 -3.41 -0.79
C ILE A 56 -15.79 -2.65 -0.99
N PRO A 57 -16.43 -2.75 -2.16
CA PRO A 57 -17.75 -2.16 -2.32
C PRO A 57 -18.77 -2.88 -1.43
N SER A 58 -19.85 -2.16 -1.12
CA SER A 58 -20.88 -2.55 -0.16
C SER A 58 -20.34 -2.72 1.26
N MET A 59 -19.09 -2.32 1.51
CA MET A 59 -18.52 -2.27 2.85
C MET A 59 -18.55 -0.81 3.29
N SER A 60 -19.33 -0.53 4.33
CA SER A 60 -19.59 0.86 4.70
C SER A 60 -18.29 1.57 5.07
N LYS A 61 -18.31 2.90 4.93
CA LYS A 61 -17.11 3.69 5.25
C LYS A 61 -16.81 3.60 6.73
N ASN A 62 -15.51 3.55 7.05
CA ASN A 62 -15.03 3.42 8.43
C ASN A 62 -15.58 2.17 9.11
N ARG A 63 -15.82 1.11 8.33
CA ARG A 63 -16.37 -0.12 8.86
C ARG A 63 -15.53 -1.32 8.41
N VAL A 64 -15.20 -2.18 9.36
CA VAL A 64 -14.56 -3.46 9.07
C VAL A 64 -15.46 -4.55 9.67
N PRO A 65 -15.31 -5.79 9.21
CA PRO A 65 -16.08 -6.87 9.82
C PRO A 65 -15.81 -6.98 11.32
N ASP A 66 -16.84 -7.42 12.06
CA ASP A 66 -16.73 -7.53 13.51
C ASP A 66 -15.64 -8.52 13.92
N SER A 67 -15.36 -9.52 13.07
CA SER A 67 -14.33 -10.50 13.39
C SER A 67 -12.94 -9.89 13.41
N CYS A 68 -12.75 -8.69 12.86
CA CYS A 68 -11.47 -8.02 12.91
C CYS A 68 -11.17 -7.41 14.28
N CYS A 69 -12.20 -7.18 15.10
CA CYS A 69 -11.98 -6.61 16.42
C CYS A 69 -11.17 -7.58 17.28
N ILE A 70 -10.36 -7.02 18.18
CA ILE A 70 -9.60 -7.86 19.12
C ILE A 70 -10.55 -8.68 19.98
N SER A 71 -11.63 -8.06 20.44
CA SER A 71 -12.70 -8.75 21.15
C SER A 71 -13.95 -8.66 20.29
N VAL A 72 -14.41 -9.81 19.79
CA VAL A 72 -15.49 -9.85 18.80
C VAL A 72 -16.82 -9.65 19.52
N THR A 73 -17.39 -8.46 19.40
CA THR A 73 -18.73 -8.18 19.89
C THR A 73 -19.60 -7.69 18.73
N VAL A 74 -20.91 -7.80 18.92
CA VAL A 74 -21.85 -7.47 17.84
C VAL A 74 -21.74 -5.98 17.52
N GLY A 75 -21.46 -5.68 16.26
CA GLY A 75 -21.38 -4.31 15.79
C GLY A 75 -20.09 -3.59 16.12
N CYS A 76 -19.08 -4.29 16.63
CA CYS A 76 -17.83 -3.63 17.01
C CYS A 76 -17.10 -3.04 15.81
N GLY A 77 -17.37 -3.54 14.60
CA GLY A 77 -16.70 -3.05 13.42
C GLY A 77 -17.31 -1.80 12.81
N ILE A 78 -18.51 -1.42 13.25
CA ILE A 78 -19.16 -0.21 12.73
C ILE A 78 -18.51 1.00 13.38
N ASN A 79 -17.99 1.91 12.55
CA ASN A 79 -17.26 3.09 13.03
C ASN A 79 -16.15 2.67 13.99
N PHE A 80 -15.36 1.69 13.56
CA PHE A 80 -14.39 1.05 14.43
C PHE A 80 -13.30 2.04 14.82
N ASN A 81 -12.61 1.72 15.92
CA ASN A 81 -11.43 2.42 16.36
C ASN A 81 -10.20 1.62 15.96
N GLU A 82 -9.14 2.33 15.56
CA GLU A 82 -7.94 1.65 15.05
C GLU A 82 -7.26 0.80 16.13
N LYS A 83 -7.33 1.24 17.39
CA LYS A 83 -6.65 0.53 18.47
C LYS A 83 -7.44 -0.66 19.00
N ALA A 84 -8.57 -1.01 18.37
CA ALA A 84 -9.42 -2.10 18.85
C ALA A 84 -9.58 -3.21 17.81
N ILE A 85 -8.77 -3.22 16.76
CA ILE A 85 -8.86 -4.24 15.71
C ILE A 85 -7.47 -4.81 15.46
N HIS A 86 -7.43 -5.93 14.74
CA HIS A 86 -6.18 -6.52 14.28
C HIS A 86 -5.82 -5.89 12.95
N LYS A 87 -4.66 -5.23 12.92
CA LYS A 87 -4.17 -4.57 11.71
C LYS A 87 -3.46 -5.53 10.76
N GLU A 88 -2.85 -6.60 11.28
CA GLU A 88 -2.10 -7.51 10.44
C GLU A 88 -3.05 -8.33 9.57
N GLY A 89 -2.64 -8.59 8.33
CA GLY A 89 -3.45 -9.34 7.40
C GLY A 89 -3.43 -10.83 7.68
N CYS A 90 -4.22 -11.55 6.88
CA CYS A 90 -4.43 -12.98 7.07
C CYS A 90 -3.64 -13.86 6.13
N VAL A 91 -3.33 -13.37 4.91
CA VAL A 91 -2.85 -14.24 3.84
C VAL A 91 -1.56 -14.95 4.25
N GLU A 92 -0.62 -14.21 4.82
CA GLU A 92 0.69 -14.77 5.11
C GLU A 92 0.61 -15.87 6.17
N LYS A 93 -0.07 -15.57 7.29
CA LYS A 93 -0.09 -16.51 8.41
C LYS A 93 -0.98 -17.71 8.14
N ILE A 94 -2.00 -17.55 7.30
CA ILE A 94 -2.92 -18.65 7.03
C ILE A 94 -2.33 -19.62 6.02
N GLY A 95 -1.79 -19.12 4.91
CA GLY A 95 -1.32 -19.98 3.84
C GLY A 95 0.14 -19.86 3.48
N GLY A 96 0.97 -19.41 4.43
CA GLY A 96 2.40 -19.28 4.19
C GLY A 96 3.07 -20.58 3.82
N TRP A 97 2.50 -21.72 4.22
CA TRP A 97 3.08 -23.01 3.89
C TRP A 97 2.91 -23.37 2.41
N LEU A 98 2.20 -22.55 1.64
CA LEU A 98 2.07 -22.77 0.20
C LEU A 98 3.27 -22.22 -0.59
N ARG A 99 4.24 -21.61 0.08
CA ARG A 99 5.43 -21.11 -0.59
C ARG A 99 6.36 -22.27 -0.96
N LYS A 100 7.26 -22.00 -1.90
CA LYS A 100 8.22 -23.01 -2.34
C LYS A 100 9.58 -22.76 -1.70
N GLN B 5 13.65 -11.09 0.15
CA GLN B 5 13.35 -10.43 -1.11
C GLN B 5 12.71 -9.06 -0.88
N VAL B 6 13.42 -8.03 -1.35
CA VAL B 6 12.97 -6.64 -1.28
C VAL B 6 13.32 -6.02 -2.62
N GLN B 7 12.34 -5.90 -3.51
CA GLN B 7 12.52 -5.29 -4.82
C GLN B 7 11.77 -3.96 -4.88
N LEU B 8 12.41 -2.96 -5.46
CA LEU B 8 11.79 -1.65 -5.66
C LEU B 8 12.23 -1.14 -7.04
N VAL B 9 11.28 -1.04 -7.96
CA VAL B 9 11.57 -0.66 -9.34
C VAL B 9 10.74 0.59 -9.65
N GLU B 10 11.40 1.74 -9.75
CA GLU B 10 10.71 2.97 -10.09
C GLU B 10 10.48 3.05 -11.59
N SER B 11 9.37 3.66 -11.98
CA SER B 11 9.04 3.85 -13.39
C SER B 11 8.12 5.06 -13.52
N GLY B 12 7.92 5.49 -14.76
CA GLY B 12 7.08 6.64 -15.03
C GLY B 12 7.81 7.95 -15.15
N GLY B 13 9.13 7.97 -14.95
CA GLY B 13 9.87 9.22 -15.05
C GLY B 13 10.02 9.67 -16.50
N GLY B 14 10.07 10.98 -16.68
CA GLY B 14 10.19 11.54 -18.01
C GLY B 14 10.36 13.04 -17.96
N LEU B 15 10.16 13.66 -19.12
CA LEU B 15 10.31 15.10 -19.29
C LEU B 15 8.94 15.75 -19.42
N VAL B 16 8.70 16.82 -18.66
CA VAL B 16 7.46 17.57 -18.71
C VAL B 16 7.77 19.06 -18.60
N GLN B 17 6.83 19.87 -19.08
CA GLN B 17 6.98 21.31 -19.04
C GLN B 17 6.64 21.84 -17.64
N ALA B 18 7.03 23.08 -17.40
CA ALA B 18 6.75 23.72 -16.11
C ALA B 18 5.25 23.86 -15.92
N GLY B 19 4.78 23.48 -14.73
CA GLY B 19 3.37 23.49 -14.43
C GLY B 19 2.63 22.23 -14.83
N GLY B 20 3.26 21.34 -15.59
CA GLY B 20 2.64 20.10 -15.99
C GLY B 20 2.58 19.09 -14.86
N SER B 21 2.16 17.89 -15.21
CA SER B 21 2.00 16.81 -14.25
C SER B 21 2.82 15.60 -14.66
N LEU B 22 3.12 14.75 -13.68
CA LEU B 22 3.83 13.50 -13.92
C LEU B 22 3.47 12.52 -12.81
N ARG B 23 3.39 11.24 -13.15
CA ARG B 23 3.02 10.20 -12.20
C ARG B 23 4.11 9.14 -12.18
N LEU B 24 4.69 8.93 -11.00
CA LEU B 24 5.69 7.90 -10.81
C LEU B 24 5.06 6.69 -10.13
N SER B 25 5.64 5.53 -10.38
CA SER B 25 5.19 4.28 -9.76
C SER B 25 6.40 3.54 -9.20
N CYS B 26 6.15 2.78 -8.12
CA CYS B 26 7.18 2.03 -7.40
C CYS B 26 6.69 0.60 -7.23
N ALA B 27 6.97 -0.24 -8.22
CA ALA B 27 6.52 -1.63 -8.21
C ALA B 27 7.36 -2.42 -7.21
N ALA B 28 6.78 -2.68 -6.04
CA ALA B 28 7.46 -3.42 -4.99
C ALA B 28 7.16 -4.92 -5.11
N SER B 29 8.20 -5.73 -4.95
CA SER B 29 8.07 -7.18 -5.07
C SER B 29 8.72 -7.84 -3.85
N GLY B 30 7.99 -8.76 -3.22
CA GLY B 30 8.50 -9.50 -2.08
C GLY B 30 7.88 -9.16 -0.76
N PHE B 31 6.93 -8.22 -0.73
CA PHE B 31 6.25 -7.84 0.50
C PHE B 31 5.01 -7.01 0.16
N PRO B 32 3.97 -7.04 1.00
CA PRO B 32 2.79 -6.22 0.73
C PRO B 32 3.04 -4.75 1.05
N VAL B 33 2.62 -3.87 0.14
CA VAL B 33 2.82 -2.44 0.34
C VAL B 33 1.90 -1.91 1.44
N ALA B 34 0.76 -2.57 1.66
CA ALA B 34 -0.23 -2.08 2.61
C ALA B 34 0.28 -2.11 4.05
N SER B 35 1.28 -2.93 4.35
CA SER B 35 1.82 -3.05 5.70
C SER B 35 3.29 -2.63 5.75
N GLY B 36 3.70 -1.73 4.86
CA GLY B 36 5.07 -1.29 4.79
C GLY B 36 5.19 0.22 4.82
N ASN B 37 6.16 0.70 5.59
CA ASN B 37 6.47 2.12 5.65
C ASN B 37 7.29 2.48 4.42
N MET B 38 6.67 3.16 3.45
CA MET B 38 7.31 3.48 2.19
C MET B 38 7.28 4.99 1.97
N ALA B 39 8.33 5.51 1.34
CA ALA B 39 8.46 6.93 1.09
C ALA B 39 9.17 7.15 -0.24
N TRP B 40 8.89 8.31 -0.85
CA TRP B 40 9.54 8.72 -2.08
C TRP B 40 10.64 9.73 -1.76
N TYR B 41 11.84 9.44 -2.22
CA TYR B 41 12.98 10.35 -2.11
C TYR B 41 13.32 10.92 -3.49
N ARG B 42 14.15 11.97 -3.48
CA ARG B 42 14.65 12.55 -4.72
C ARG B 42 16.03 13.15 -4.45
N GLN B 43 16.84 13.23 -5.50
CA GLN B 43 18.16 13.85 -5.40
C GLN B 43 18.57 14.37 -6.77
N ALA B 44 18.76 15.66 -6.86
CA ALA B 44 19.31 16.22 -8.08
C ALA B 44 20.84 16.23 -8.01
N PRO B 45 21.51 16.11 -9.15
CA PRO B 45 22.97 16.18 -9.15
C PRO B 45 23.44 17.54 -8.64
N GLY B 46 24.35 17.50 -7.67
CA GLY B 46 24.82 18.72 -7.02
C GLY B 46 24.18 18.92 -5.66
N LYS B 47 22.88 18.66 -5.56
CA LYS B 47 22.15 18.81 -4.31
C LYS B 47 22.21 17.51 -3.50
N GLU B 48 21.68 17.58 -2.27
CA GLU B 48 21.62 16.42 -1.40
C GLU B 48 20.27 15.73 -1.55
N ARG B 49 20.25 14.44 -1.24
CA ARG B 49 19.01 13.67 -1.33
C ARG B 49 18.05 14.07 -0.23
N GLU B 50 16.76 13.94 -0.52
CA GLU B 50 15.71 14.38 0.39
C GLU B 50 14.47 13.53 0.16
N TRP B 51 13.68 13.36 1.22
CA TRP B 51 12.40 12.69 1.12
C TRP B 51 11.31 13.73 0.92
N VAL B 52 10.34 13.41 0.06
CA VAL B 52 9.31 14.36 -0.34
C VAL B 52 7.91 13.86 -0.01
N ALA B 53 7.66 12.56 -0.14
CA ALA B 53 6.35 11.99 0.13
C ALA B 53 6.54 10.66 0.84
N ALA B 54 5.53 10.29 1.64
CA ALA B 54 5.62 9.07 2.44
C ALA B 54 4.22 8.57 2.76
N ILE B 55 4.11 7.26 2.90
CA ILE B 55 2.88 6.62 3.37
C ILE B 55 3.27 5.50 4.32
N LYS B 56 2.79 5.58 5.55
CA LYS B 56 3.15 4.60 6.56
C LYS B 56 2.30 3.33 6.42
N SER B 57 2.67 2.31 7.19
CA SER B 57 1.98 1.04 7.13
C SER B 57 0.55 1.17 7.65
N HIS B 58 -0.35 0.39 7.06
CA HIS B 58 -1.75 0.31 7.49
C HIS B 58 -2.36 1.70 7.38
N GLY B 59 -3.04 2.21 8.41
CA GLY B 59 -3.62 3.53 8.35
C GLY B 59 -2.93 4.52 9.27
N TYR B 60 -1.61 4.42 9.37
CA TYR B 60 -0.83 5.33 10.19
C TYR B 60 -0.61 6.69 9.55
N GLY B 61 -1.14 6.91 8.36
CA GLY B 61 -1.16 8.22 7.74
C GLY B 61 -0.02 8.43 6.74
N THR B 62 -0.18 9.48 5.95
CA THR B 62 0.81 9.92 4.98
C THR B 62 1.48 11.20 5.47
N LYS B 63 2.64 11.49 4.90
CA LYS B 63 3.40 12.67 5.28
C LYS B 63 4.12 13.23 4.06
N TYR B 64 4.22 14.55 4.01
CA TYR B 64 4.77 15.24 2.85
C TYR B 64 5.79 16.28 3.30
N ALA B 65 6.83 16.46 2.49
CA ALA B 65 7.75 17.57 2.71
C ALA B 65 7.03 18.89 2.44
N ASP B 66 7.52 19.96 3.07
CA ASP B 66 6.85 21.25 2.96
C ASP B 66 6.91 21.79 1.54
N SER B 67 8.00 21.53 0.82
CA SER B 67 8.17 22.07 -0.52
C SER B 67 7.24 21.43 -1.54
N VAL B 68 6.51 20.37 -1.18
CA VAL B 68 5.64 19.67 -2.10
C VAL B 68 4.23 19.47 -1.57
N LYS B 69 3.89 20.08 -0.43
CA LYS B 69 2.55 19.91 0.12
C LYS B 69 1.50 20.46 -0.83
N GLY B 70 0.45 19.69 -1.05
CA GLY B 70 -0.62 20.08 -1.93
C GLY B 70 -0.38 19.75 -3.40
N ARG B 71 0.89 19.74 -3.82
CA ARG B 71 1.20 19.41 -5.20
C ARG B 71 1.35 17.91 -5.41
N PHE B 72 2.14 17.27 -4.56
CA PHE B 72 2.39 15.84 -4.67
C PHE B 72 1.38 15.08 -3.81
N THR B 73 1.02 13.89 -4.28
CA THR B 73 0.12 13.01 -3.56
C THR B 73 0.62 11.58 -3.71
N ILE B 74 0.89 10.93 -2.58
CA ILE B 74 1.36 9.55 -2.58
C ILE B 74 0.15 8.63 -2.41
N SER B 75 0.14 7.51 -3.14
CA SER B 75 -0.98 6.59 -3.15
C SER B 75 -0.46 5.16 -3.05
N ARG B 76 -1.38 4.23 -2.79
CA ARG B 76 -1.00 2.85 -2.53
C ARG B 76 -2.09 1.94 -3.10
N ASP B 77 -1.77 1.27 -4.21
CA ASP B 77 -2.66 0.29 -4.83
C ASP B 77 -2.21 -1.11 -4.47
N ASN B 78 -3.13 -1.91 -3.92
CA ASN B 78 -2.85 -3.27 -3.49
C ASN B 78 -2.99 -4.29 -4.63
N ALA B 79 -3.86 -4.02 -5.61
CA ALA B 79 -4.03 -4.97 -6.70
C ALA B 79 -2.75 -5.13 -7.51
N LYS B 80 -1.90 -4.11 -7.53
CA LYS B 80 -0.62 -4.17 -8.21
C LYS B 80 0.57 -4.04 -7.26
N ASN B 81 0.33 -3.92 -5.95
CA ASN B 81 1.39 -3.80 -4.95
C ASN B 81 2.35 -2.66 -5.31
N THR B 82 1.77 -1.53 -5.72
CA THR B 82 2.54 -0.42 -6.26
C THR B 82 2.20 0.86 -5.51
N VAL B 83 3.24 1.61 -5.12
CA VAL B 83 3.09 2.93 -4.54
C VAL B 83 3.28 3.96 -5.64
N TYR B 84 2.34 4.89 -5.76
CA TYR B 84 2.37 5.91 -6.79
C TYR B 84 2.73 7.27 -6.19
N LEU B 85 3.25 8.14 -7.05
CA LEU B 85 3.57 9.52 -6.68
C LEU B 85 2.99 10.44 -7.76
N GLN B 86 1.82 10.98 -7.49
CA GLN B 86 1.20 11.95 -8.40
C GLN B 86 1.82 13.31 -8.16
N MET B 87 2.45 13.86 -9.20
CA MET B 87 3.15 15.13 -9.11
C MET B 87 2.42 16.14 -10.00
N ASN B 88 1.71 17.08 -9.37
CA ASN B 88 1.00 18.12 -10.09
C ASN B 88 1.71 19.46 -9.90
N SER B 89 1.54 20.34 -10.88
CA SER B 89 2.14 21.67 -10.88
C SER B 89 3.65 21.61 -10.62
N LEU B 90 4.33 20.89 -11.51
CA LEU B 90 5.76 20.65 -11.34
C LEU B 90 6.56 21.91 -11.63
N LYS B 91 7.61 22.11 -10.84
CA LYS B 91 8.53 23.23 -10.97
C LYS B 91 9.90 22.74 -11.43
N PRO B 92 10.69 23.63 -12.05
CA PRO B 92 12.06 23.23 -12.42
C PRO B 92 12.92 22.88 -11.22
N GLU B 93 12.57 23.34 -10.03
CA GLU B 93 13.26 22.93 -8.82
C GLU B 93 12.98 21.49 -8.43
N ASP B 94 12.00 20.85 -9.05
CA ASP B 94 11.68 19.45 -8.80
C ASP B 94 12.42 18.51 -9.75
N THR B 95 13.39 19.02 -10.51
CA THR B 95 14.18 18.19 -11.42
C THR B 95 15.18 17.39 -10.60
N ALA B 96 15.01 16.07 -10.57
CA ALA B 96 15.87 15.20 -9.79
C ALA B 96 15.57 13.76 -10.18
N VAL B 97 16.42 12.85 -9.72
CA VAL B 97 16.18 11.41 -9.84
C VAL B 97 15.41 10.98 -8.60
N TYR B 98 14.22 10.42 -8.81
CA TYR B 98 13.31 10.08 -7.73
C TYR B 98 13.44 8.60 -7.38
N TYR B 99 13.67 8.31 -6.11
CA TYR B 99 13.78 6.96 -5.59
C TYR B 99 12.64 6.70 -4.61
N CYS B 100 12.23 5.44 -4.53
CA CYS B 100 11.28 5.00 -3.51
C CYS B 100 11.99 4.09 -2.52
N TYR B 101 11.74 4.33 -1.23
CA TYR B 101 12.40 3.61 -0.15
C TYR B 101 11.39 2.77 0.62
N VAL B 102 11.92 1.83 1.39
CA VAL B 102 11.12 1.02 2.31
C VAL B 102 11.91 0.88 3.60
N TYR B 103 11.22 1.11 4.72
CA TYR B 103 11.83 0.97 6.04
C TYR B 103 11.20 -0.22 6.76
N VAL B 104 11.95 -1.32 6.85
CA VAL B 104 11.52 -2.51 7.58
C VAL B 104 12.67 -2.96 8.47
N GLY B 105 12.96 -2.20 9.51
CA GLY B 105 14.15 -2.42 10.32
C GLY B 105 15.33 -1.67 9.76
N TRP B 106 15.71 -1.99 8.53
CA TRP B 106 16.71 -1.26 7.77
C TRP B 106 16.04 -0.55 6.61
N LEU B 107 16.83 -0.03 5.68
CA LEU B 107 16.34 0.72 4.55
C LEU B 107 16.74 0.04 3.25
N TYR B 108 15.81 0.03 2.29
CA TYR B 108 16.05 -0.49 0.95
C TYR B 108 15.46 0.48 -0.06
N TRP B 109 16.13 0.62 -1.21
CA TRP B 109 15.68 1.54 -2.24
C TRP B 109 15.93 0.91 -3.61
N GLY B 110 15.55 1.64 -4.65
CA GLY B 110 15.72 1.19 -6.03
C GLY B 110 16.74 2.02 -6.78
N GLN B 111 16.75 1.82 -8.10
CA GLN B 111 17.68 2.54 -8.96
C GLN B 111 17.26 3.98 -9.21
N GLY B 112 15.97 4.29 -9.07
CA GLY B 112 15.47 5.61 -9.33
C GLY B 112 15.12 5.83 -10.79
N THR B 113 14.42 6.94 -11.03
CA THR B 113 14.04 7.32 -12.38
C THR B 113 14.22 8.82 -12.54
N GLN B 114 14.60 9.24 -13.75
CA GLN B 114 14.94 10.63 -13.99
C GLN B 114 13.68 11.45 -14.24
N VAL B 115 13.58 12.60 -13.57
CA VAL B 115 12.51 13.56 -13.78
C VAL B 115 13.14 14.91 -14.09
N THR B 116 12.71 15.52 -15.20
CA THR B 116 13.25 16.80 -15.63
C THR B 116 12.10 17.71 -16.03
N VAL B 117 12.16 18.97 -15.59
CA VAL B 117 11.14 19.97 -15.87
C VAL B 117 11.81 21.14 -16.56
N SER B 118 11.34 21.47 -17.76
CA SER B 118 11.93 22.54 -18.56
C SER B 118 11.35 23.89 -18.16
N ALA B 119 12.04 24.95 -18.60
CA ALA B 119 11.64 26.33 -18.35
C ALA B 119 11.44 26.60 -16.86
S SO4 C . -2.56 -6.60 15.47
O1 SO4 C . -1.13 -6.33 15.85
O2 SO4 C . -3.32 -7.04 16.67
O3 SO4 C . -3.17 -5.35 14.91
O4 SO4 C . -2.61 -7.68 14.43
S SO4 D . -22.13 -10.28 21.96
O1 SO4 D . -21.61 -9.57 20.75
O2 SO4 D . -21.53 -11.64 22.03
O3 SO4 D . -21.77 -9.50 23.18
O4 SO4 D . -23.62 -10.39 21.87
S SO4 E . -3.40 12.97 1.47
O1 SO4 E . -2.74 12.11 0.45
O2 SO4 E . -2.51 13.08 2.68
O3 SO4 E . -3.61 14.34 0.90
O4 SO4 E . -4.71 12.38 1.86
#